data_6EQL
#
_entry.id   6EQL
#
_cell.length_a   66.170
_cell.length_b   81.050
_cell.length_c   111.200
_cell.angle_alpha   90.000
_cell.angle_beta   90.000
_cell.angle_gamma   90.000
#
_symmetry.space_group_name_H-M   'P 21 21 21'
#
loop_
_entity.id
_entity.type
_entity.pdbx_description
1 polymer Glycogenin-1
2 non-polymer "URIDINE-5'-DIPHOSPHATE"
3 non-polymer 'MANGANESE (II) ION'
4 non-polymer 'NONAETHYLENE GLYCOL'
5 non-polymer 1,2-ETHANEDIOL
6 water water
#
_entity_poly.entity_id   1
_entity_poly.type   'polypeptide(L)'
_entity_poly.pdbx_seq_one_letter_code
;SMTDQAFVTLTTNDAYAKGALVLGSSLKQHRTTRRLVVLATPQVSDSMRKVLETVFDEVIMVDVLDSGDSAHLTLMKRPE
LGVTLTKLHCWSLTQYSKCVFMDADTLVLANIDDLFDREELSAAPDPGWPDCFNSGVFVYQPSVETYNQLLHLASEQGSF
DGGDQGILNTFFSSWATTDIRKHLPFIYNLSSISI(PHI)SYLPAFKVFGASAKVVHFLGRVKPWNYTYDPKTKSVKSEA
HDPNMTHPEFLILWWNIFTTNVLPLLQ
;
_entity_poly.pdbx_strand_id   A,B
#
loop_
_chem_comp.id
_chem_comp.type
_chem_comp.name
_chem_comp.formula
2PE non-polymer 'NONAETHYLENE GLYCOL' 'C18 H38 O10'
EDO non-polymer 1,2-ETHANEDIOL 'C2 H6 O2'
MN non-polymer 'MANGANESE (II) ION' 'Mn 2'
UDP RNA linking URIDINE-5'-DIPHOSPHATE 'C9 H14 N2 O12 P2'
#
# COMPACT_ATOMS: atom_id res chain seq x y z
N MET A 2 -19.38 16.35 20.91
CA MET A 2 -18.45 17.29 20.30
C MET A 2 -19.18 18.24 19.35
N THR A 3 -18.66 19.46 19.23
CA THR A 3 -19.22 20.46 18.32
C THR A 3 -18.19 21.12 17.41
N ASP A 4 -16.90 21.01 17.71
CA ASP A 4 -15.86 21.60 16.87
C ASP A 4 -15.18 20.56 15.98
N GLN A 5 -15.63 19.31 16.02
CA GLN A 5 -15.08 18.24 15.20
C GLN A 5 -16.21 17.40 14.64
N ALA A 6 -16.02 16.91 13.40
CA ALA A 6 -17.08 16.18 12.73
C ALA A 6 -16.49 15.23 11.70
N PHE A 7 -17.22 14.15 11.43
CA PHE A 7 -16.95 13.28 10.30
C PHE A 7 -17.72 13.81 9.10
N VAL A 8 -17.04 13.92 7.96
CA VAL A 8 -17.60 14.50 6.75
C VAL A 8 -17.58 13.46 5.64
N THR A 9 -18.75 13.19 5.07
CA THR A 9 -18.87 12.30 3.92
C THR A 9 -19.54 13.06 2.78
N LEU A 10 -19.70 12.39 1.64
CA LEU A 10 -20.17 13.04 0.42
C LEU A 10 -21.02 12.08 -0.39
N THR A 11 -22.12 12.59 -0.93
CA THR A 11 -22.95 11.82 -1.86
C THR A 11 -23.56 12.79 -2.87
N THR A 12 -23.52 12.40 -4.15
CA THR A 12 -24.08 13.21 -5.22
C THR A 12 -25.34 12.60 -5.84
N ASN A 13 -25.74 11.40 -5.41
CA ASN A 13 -26.96 10.78 -5.92
C ASN A 13 -27.49 9.82 -4.87
N ASP A 14 -28.64 9.21 -5.17
CA ASP A 14 -29.26 8.28 -4.23
C ASP A 14 -28.50 6.97 -4.11
N ALA A 15 -27.64 6.64 -5.08
CA ALA A 15 -26.86 5.40 -5.00
C ALA A 15 -25.81 5.50 -3.91
N TYR A 16 -24.92 6.48 -4.01
CA TYR A 16 -23.91 6.68 -2.97
C TYR A 16 -24.51 7.12 -1.65
N ALA A 17 -25.74 7.63 -1.66
CA ALA A 17 -26.41 7.99 -0.41
C ALA A 17 -26.64 6.75 0.46
N LYS A 18 -26.91 5.60 -0.16
CA LYS A 18 -27.05 4.37 0.63
C LYS A 18 -25.77 4.04 1.36
N GLY A 19 -24.62 4.25 0.72
CA GLY A 19 -23.35 4.02 1.39
C GLY A 19 -23.11 5.03 2.51
N ALA A 20 -23.50 6.28 2.30
CA ALA A 20 -23.35 7.29 3.34
C ALA A 20 -24.24 6.98 4.54
N LEU A 21 -25.44 6.47 4.29
CA LEU A 21 -26.34 6.10 5.39
C LEU A 21 -25.78 4.90 6.17
N VAL A 22 -25.16 3.95 5.47
CA VAL A 22 -24.52 2.83 6.16
C VAL A 22 -23.27 3.31 6.90
N LEU A 23 -22.47 4.16 6.26
CA LEU A 23 -21.29 4.69 6.93
C LEU A 23 -21.68 5.49 8.18
N GLY A 24 -22.67 6.36 8.05
CA GLY A 24 -23.14 7.10 9.21
C GLY A 24 -23.70 6.20 10.30
N SER A 25 -24.43 5.16 9.92
CA SER A 25 -24.98 4.23 10.90
C SER A 25 -23.86 3.50 11.66
N SER A 26 -22.82 3.06 10.95
CA SER A 26 -21.74 2.35 11.62
C SER A 26 -20.96 3.28 12.55
N LEU A 27 -20.89 4.56 12.21
CA LEU A 27 -20.26 5.53 13.10
C LEU A 27 -21.07 5.71 14.37
N LYS A 28 -22.40 5.69 14.26
CA LYS A 28 -23.24 5.75 15.45
C LYS A 28 -23.19 4.46 16.24
N GLN A 29 -23.05 3.32 15.56
CA GLN A 29 -22.99 2.03 16.25
C GLN A 29 -21.78 1.96 17.17
N HIS A 30 -20.63 2.47 16.72
CA HIS A 30 -19.42 2.49 17.52
C HIS A 30 -19.27 3.77 18.34
N ARG A 31 -20.34 4.56 18.45
CA ARG A 31 -20.50 5.62 19.44
C ARG A 31 -19.37 6.66 19.34
N THR A 32 -19.46 7.46 18.28
CA THR A 32 -18.57 8.59 18.11
C THR A 32 -19.16 9.80 18.81
N THR A 33 -18.33 10.52 19.55
CA THR A 33 -18.76 11.75 20.20
C THR A 33 -18.76 12.94 19.26
N ARG A 34 -18.28 12.77 18.04
CA ARG A 34 -18.23 13.85 17.06
C ARG A 34 -19.52 13.91 16.26
N ARG A 35 -19.66 14.98 15.49
CA ARG A 35 -20.84 15.18 14.67
C ARG A 35 -20.68 14.50 13.31
N LEU A 36 -21.81 14.19 12.68
CA LEU A 36 -21.85 13.50 11.40
C LEU A 36 -22.40 14.47 10.35
N VAL A 37 -21.58 14.76 9.34
CA VAL A 37 -21.93 15.72 8.29
C VAL A 37 -21.84 15.01 6.95
N VAL A 38 -22.80 15.27 6.07
CA VAL A 38 -22.81 14.74 4.71
C VAL A 38 -22.99 15.90 3.74
N LEU A 39 -22.11 15.98 2.74
CA LEU A 39 -22.23 16.97 1.68
C LEU A 39 -23.09 16.36 0.56
N ALA A 40 -24.31 16.89 0.41
CA ALA A 40 -25.24 16.39 -0.58
C ALA A 40 -25.47 17.43 -1.67
N THR A 41 -25.86 16.95 -2.85
CA THR A 41 -26.14 17.79 -3.99
C THR A 41 -27.63 17.74 -4.32
N PRO A 42 -28.14 18.70 -5.10
CA PRO A 42 -29.57 18.66 -5.48
C PRO A 42 -29.94 17.44 -6.29
N GLN A 43 -28.98 16.70 -6.86
CA GLN A 43 -29.29 15.47 -7.57
C GLN A 43 -29.82 14.39 -6.64
N VAL A 44 -29.53 14.48 -5.33
CA VAL A 44 -30.13 13.58 -4.36
C VAL A 44 -31.61 13.92 -4.22
N SER A 45 -32.45 12.89 -4.27
CA SER A 45 -33.89 13.09 -4.23
C SER A 45 -34.31 13.67 -2.88
N ASP A 46 -35.48 14.31 -2.89
CA ASP A 46 -35.97 14.97 -1.67
C ASP A 46 -36.23 13.95 -0.57
N SER A 47 -36.76 12.78 -0.91
CA SER A 47 -37.03 11.77 0.11
C SER A 47 -35.73 11.18 0.65
N MET A 48 -34.73 10.99 -0.21
CA MET A 48 -33.44 10.48 0.26
C MET A 48 -32.73 11.50 1.14
N ARG A 49 -32.89 12.79 0.86
CA ARG A 49 -32.31 13.80 1.73
C ARG A 49 -32.95 13.78 3.11
N LYS A 50 -34.27 13.55 3.17
CA LYS A 50 -34.95 13.45 4.45
C LYS A 50 -34.44 12.26 5.27
N VAL A 51 -34.01 11.20 4.59
CA VAL A 51 -33.43 10.07 5.31
C VAL A 51 -32.02 10.41 5.81
N LEU A 52 -31.27 11.18 5.03
CA LEU A 52 -29.94 11.60 5.47
C LEU A 52 -30.00 12.51 6.70
N GLU A 53 -31.09 13.27 6.85
CA GLU A 53 -31.23 14.16 7.99
C GLU A 53 -31.46 13.39 9.28
N THR A 54 -32.03 12.19 9.19
CA THR A 54 -32.25 11.38 10.38
C THR A 54 -30.97 10.72 10.87
N VAL A 55 -30.06 10.38 9.97
CA VAL A 55 -28.83 9.71 10.35
C VAL A 55 -27.69 10.70 10.63
N PHE A 56 -27.65 11.81 9.90
CA PHE A 56 -26.59 12.80 10.03
C PHE A 56 -27.07 14.01 10.82
N ASP A 57 -26.12 14.67 11.49
CA ASP A 57 -26.44 15.88 12.24
C ASP A 57 -26.63 17.07 11.33
N GLU A 58 -25.84 17.16 10.26
CA GLU A 58 -25.92 18.27 9.32
C GLU A 58 -25.89 17.72 7.90
N VAL A 59 -26.91 18.07 7.12
CA VAL A 59 -26.96 17.76 5.69
C VAL A 59 -26.71 19.08 4.96
N ILE A 60 -25.49 19.26 4.46
CA ILE A 60 -25.05 20.52 3.87
C ILE A 60 -25.17 20.41 2.36
N MET A 61 -25.99 21.26 1.75
CA MET A 61 -26.23 21.22 0.32
C MET A 61 -25.11 21.95 -0.43
N VAL A 62 -24.61 21.30 -1.48
CA VAL A 62 -23.54 21.85 -2.31
C VAL A 62 -23.92 21.64 -3.77
N ASP A 63 -24.08 22.74 -4.50
CA ASP A 63 -24.41 22.71 -5.94
C ASP A 63 -23.38 23.56 -6.68
N VAL A 64 -22.31 22.91 -7.16
CA VAL A 64 -21.29 23.62 -7.91
C VAL A 64 -21.82 24.10 -9.27
N LEU A 65 -22.91 23.53 -9.75
CA LEU A 65 -23.50 24.00 -11.00
C LEU A 65 -24.13 25.37 -10.87
N ASP A 66 -24.45 25.79 -9.64
CA ASP A 66 -25.06 27.09 -9.42
C ASP A 66 -24.03 28.20 -9.63
N SER A 67 -24.48 29.31 -10.23
CA SER A 67 -23.57 30.42 -10.52
C SER A 67 -23.01 31.03 -9.25
N GLY A 68 -23.77 31.00 -8.15
CA GLY A 68 -23.33 31.59 -6.91
C GLY A 68 -22.40 30.73 -6.08
N ASP A 69 -22.21 29.46 -6.45
CA ASP A 69 -21.34 28.58 -5.68
C ASP A 69 -19.89 29.04 -5.78
N SER A 70 -19.16 28.90 -4.67
CA SER A 70 -17.79 29.39 -4.60
C SER A 70 -16.84 28.66 -5.54
N ALA A 71 -17.22 27.47 -6.02
CA ALA A 71 -16.37 26.70 -6.92
C ALA A 71 -16.88 26.71 -8.36
N HIS A 72 -17.91 27.51 -8.65
CA HIS A 72 -18.48 27.50 -10.00
C HIS A 72 -17.50 28.05 -11.03
N LEU A 73 -16.79 29.13 -10.69
CA LEU A 73 -15.78 29.66 -11.60
C LEU A 73 -14.73 28.62 -11.93
N THR A 74 -14.34 27.82 -10.92
CA THR A 74 -13.40 26.73 -11.18
C THR A 74 -14.03 25.65 -12.05
N LEU A 75 -15.34 25.41 -11.86
CA LEU A 75 -16.02 24.39 -12.65
C LEU A 75 -16.14 24.79 -14.11
N MET A 76 -16.31 26.09 -14.40
CA MET A 76 -16.39 26.53 -15.79
C MET A 76 -15.10 26.26 -16.53
N LYS A 77 -13.96 26.34 -15.85
CA LYS A 77 -12.67 26.02 -16.45
C LYS A 77 -12.33 24.55 -16.37
N ARG A 78 -12.90 23.81 -15.42
CA ARG A 78 -12.64 22.39 -15.24
C ARG A 78 -13.97 21.66 -15.09
N PRO A 79 -14.70 21.44 -16.19
CA PRO A 79 -16.01 20.78 -16.08
C PRO A 79 -15.91 19.29 -15.73
N GLU A 80 -14.74 18.68 -15.83
CA GLU A 80 -14.56 17.27 -15.50
C GLU A 80 -14.40 17.04 -13.99
N LEU A 81 -14.56 18.07 -13.17
CA LEU A 81 -14.32 17.97 -11.73
C LEU A 81 -15.58 18.26 -10.93
N GLY A 82 -16.75 17.90 -11.48
CA GLY A 82 -17.99 18.16 -10.77
C GLY A 82 -18.03 17.53 -9.39
N VAL A 83 -17.71 16.24 -9.30
CA VAL A 83 -17.70 15.56 -8.01
C VAL A 83 -16.50 16.01 -7.17
N THR A 84 -15.34 16.18 -7.82
CA THR A 84 -14.13 16.58 -7.10
C THR A 84 -14.31 17.95 -6.44
N LEU A 85 -14.81 18.93 -7.20
CA LEU A 85 -15.02 20.25 -6.63
C LEU A 85 -16.08 20.25 -5.54
N THR A 86 -17.08 19.37 -5.66
CA THR A 86 -18.06 19.24 -4.58
C THR A 86 -17.42 18.73 -3.30
N LYS A 87 -16.53 17.74 -3.42
CA LYS A 87 -15.86 17.21 -2.23
C LYS A 87 -14.97 18.25 -1.57
N LEU A 88 -14.30 19.09 -2.38
CA LEU A 88 -13.40 20.08 -1.83
C LEU A 88 -14.10 21.10 -0.94
N HIS A 89 -15.43 21.19 -1.02
CA HIS A 89 -16.20 22.04 -0.12
C HIS A 89 -16.05 21.62 1.34
N CYS A 90 -15.48 20.44 1.62
CA CYS A 90 -15.30 20.01 2.99
C CYS A 90 -14.31 20.91 3.73
N TRP A 91 -13.41 21.58 3.02
CA TRP A 91 -12.49 22.52 3.66
C TRP A 91 -13.13 23.85 4.01
N SER A 92 -14.36 24.11 3.57
CA SER A 92 -15.03 25.37 3.86
C SER A 92 -15.93 25.29 5.10
N LEU A 93 -15.97 24.14 5.76
CA LEU A 93 -16.82 23.95 6.95
C LEU A 93 -16.07 24.45 8.18
N THR A 94 -15.90 25.78 8.23
CA THR A 94 -15.10 26.41 9.28
C THR A 94 -15.79 26.37 10.65
N GLN A 95 -17.04 25.95 10.73
CA GLN A 95 -17.67 25.73 12.02
C GLN A 95 -17.04 24.57 12.79
N TYR A 96 -16.14 23.81 12.18
CA TYR A 96 -15.36 22.78 12.85
C TYR A 96 -13.88 23.11 12.72
N SER A 97 -13.12 22.77 13.76
CA SER A 97 -11.67 23.02 13.76
C SER A 97 -10.87 21.82 13.26
N LYS A 98 -11.49 20.65 13.14
CA LYS A 98 -10.80 19.47 12.66
C LYS A 98 -11.84 18.46 12.20
N CYS A 99 -11.63 17.89 11.00
CA CYS A 99 -12.58 16.94 10.44
C CYS A 99 -11.84 15.75 9.85
N VAL A 100 -12.54 14.62 9.78
CA VAL A 100 -12.08 13.44 9.08
C VAL A 100 -13.05 13.28 7.91
N PHE A 101 -12.55 13.34 6.69
CA PHE A 101 -13.38 13.01 5.54
C PHE A 101 -13.40 11.50 5.35
N MET A 102 -14.56 10.97 5.01
CA MET A 102 -14.70 9.54 4.74
C MET A 102 -15.50 9.37 3.46
N ASP A 103 -14.96 8.56 2.55
CA ASP A 103 -15.68 8.22 1.33
C ASP A 103 -17.01 7.56 1.66
N ALA A 104 -17.98 7.72 0.76
CA ALA A 104 -19.29 7.13 0.97
C ALA A 104 -19.26 5.61 0.84
N ASP A 105 -18.22 5.04 0.21
CA ASP A 105 -18.06 3.60 0.11
C ASP A 105 -17.18 3.03 1.23
N THR A 106 -17.12 3.69 2.37
CA THR A 106 -16.37 3.21 3.52
C THR A 106 -17.31 2.65 4.57
N LEU A 107 -16.74 1.90 5.50
CA LEU A 107 -17.51 1.23 6.54
C LEU A 107 -16.66 1.14 7.80
N VAL A 108 -17.23 1.56 8.93
CA VAL A 108 -16.51 1.66 10.19
C VAL A 108 -16.78 0.39 11.00
N LEU A 109 -15.71 -0.28 11.41
CA LEU A 109 -15.81 -1.50 12.20
C LEU A 109 -15.45 -1.30 13.67
N ALA A 110 -14.84 -0.17 14.02
CA ALA A 110 -14.48 0.12 15.40
C ALA A 110 -14.41 1.63 15.58
N ASN A 111 -14.48 2.06 16.84
CA ASN A 111 -14.38 3.48 17.14
C ASN A 111 -13.06 4.03 16.63
N ILE A 112 -13.13 5.15 15.88
CA ILE A 112 -11.96 5.75 15.28
C ILE A 112 -11.86 7.22 15.70
N ASP A 113 -12.38 7.54 16.89
CA ASP A 113 -12.30 8.90 17.38
C ASP A 113 -10.87 9.35 17.66
N ASP A 114 -9.94 8.41 17.80
CA ASP A 114 -8.54 8.76 18.00
C ASP A 114 -7.88 9.29 16.73
N LEU A 115 -8.61 9.31 15.60
CA LEU A 115 -8.10 9.97 14.40
C LEU A 115 -7.95 11.48 14.59
N PHE A 116 -8.70 12.06 15.54
CA PHE A 116 -8.60 13.48 15.81
C PHE A 116 -7.37 13.85 16.62
N ASP A 117 -6.50 12.88 16.92
CA ASP A 117 -5.19 13.17 17.49
C ASP A 117 -4.16 13.51 16.43
N ARG A 118 -4.46 13.26 15.16
CA ARG A 118 -3.54 13.55 14.07
C ARG A 118 -3.73 14.99 13.59
N GLU A 119 -2.80 15.43 12.74
CA GLU A 119 -2.82 16.76 12.17
C GLU A 119 -2.95 16.69 10.66
N GLU A 120 -3.36 17.81 10.06
CA GLU A 120 -3.46 17.90 8.61
C GLU A 120 -2.06 17.88 7.99
N LEU A 121 -1.86 17.00 7.01
CA LEU A 121 -2.88 16.06 6.57
C LEU A 121 -2.41 14.63 6.81
N SER A 122 -3.24 13.85 7.50
CA SER A 122 -2.95 12.47 7.83
C SER A 122 -3.84 11.55 7.01
N ALA A 123 -3.23 10.61 6.31
CA ALA A 123 -3.97 9.70 5.45
C ALA A 123 -3.20 8.40 5.32
N ALA A 124 -3.92 7.34 4.90
CA ALA A 124 -3.36 6.01 4.72
C ALA A 124 -2.76 5.85 3.33
N PRO A 125 -1.80 4.95 3.15
CA PRO A 125 -1.21 4.74 1.83
C PRO A 125 -2.20 4.14 0.84
N ASP A 126 -2.01 4.49 -0.42
CA ASP A 126 -2.78 3.89 -1.50
C ASP A 126 -2.28 2.46 -1.75
N PRO A 127 -3.19 1.51 -1.95
CA PRO A 127 -2.74 0.10 -2.07
C PRO A 127 -1.97 -0.19 -3.34
N GLY A 128 -2.20 0.57 -4.41
CA GLY A 128 -1.49 0.35 -5.66
C GLY A 128 -0.12 1.01 -5.69
N TRP A 129 -0.08 2.32 -5.46
CA TRP A 129 1.15 3.11 -5.39
C TRP A 129 1.30 3.63 -3.96
N PRO A 130 1.96 2.88 -3.06
CA PRO A 130 1.93 3.24 -1.64
C PRO A 130 2.66 4.53 -1.29
N ASP A 131 3.34 5.17 -2.24
CA ASP A 131 3.94 6.46 -1.97
C ASP A 131 2.90 7.57 -1.93
N CYS A 132 1.74 7.37 -2.55
CA CYS A 132 0.63 8.28 -2.48
C CYS A 132 -0.37 7.83 -1.41
N PHE A 133 -1.14 8.77 -0.89
CA PHE A 133 -2.15 8.46 0.09
C PHE A 133 -3.52 8.38 -0.59
N ASN A 134 -4.36 7.49 -0.08
CA ASN A 134 -5.72 7.34 -0.58
C ASN A 134 -6.59 8.44 0.03
N SER A 135 -7.28 9.20 -0.82
CA SER A 135 -8.08 10.33 -0.35
C SER A 135 -9.45 9.91 0.18
N GLY A 136 -9.68 8.60 0.39
CA GLY A 136 -10.96 8.16 0.90
C GLY A 136 -11.15 8.43 2.37
N VAL A 137 -10.05 8.50 3.13
CA VAL A 137 -10.08 8.80 4.56
C VAL A 137 -8.86 9.67 4.88
N PHE A 138 -9.09 10.85 5.44
CA PHE A 138 -7.97 11.72 5.83
C PHE A 138 -8.42 12.72 6.88
N VAL A 139 -7.47 13.14 7.71
CA VAL A 139 -7.67 14.16 8.72
C VAL A 139 -7.26 15.51 8.13
N TYR A 140 -8.14 16.50 8.20
CA TYR A 140 -7.82 17.80 7.64
C TYR A 140 -8.33 18.91 8.56
N GLN A 141 -7.89 20.12 8.28
CA GLN A 141 -8.29 21.30 9.03
C GLN A 141 -9.10 22.22 8.14
N PRO A 142 -10.39 22.43 8.42
CA PRO A 142 -11.20 23.31 7.57
C PRO A 142 -10.65 24.73 7.53
N SER A 143 -10.42 25.23 6.33
CA SER A 143 -9.81 26.54 6.14
C SER A 143 -10.27 27.11 4.80
N VAL A 144 -10.79 28.34 4.85
CA VAL A 144 -11.20 29.03 3.62
C VAL A 144 -10.00 29.25 2.71
N GLU A 145 -8.84 29.57 3.29
CA GLU A 145 -7.64 29.80 2.49
C GLU A 145 -7.21 28.52 1.78
N THR A 146 -7.08 27.42 2.52
CA THR A 146 -6.70 26.14 1.92
C THR A 146 -7.71 25.71 0.85
N TYR A 147 -9.00 25.99 1.08
CA TYR A 147 -10.02 25.68 0.08
C TYR A 147 -9.75 26.42 -1.22
N ASN A 148 -9.36 27.70 -1.14
CA ASN A 148 -9.13 28.47 -2.36
C ASN A 148 -7.87 28.02 -3.08
N GLN A 149 -6.84 27.60 -2.34
CA GLN A 149 -5.62 27.10 -2.97
C GLN A 149 -5.86 25.78 -3.69
N LEU A 150 -6.76 24.94 -3.16
CA LEU A 150 -7.08 23.68 -3.82
C LEU A 150 -7.90 23.93 -5.08
N LEU A 151 -8.82 24.89 -5.05
CA LEU A 151 -9.53 25.28 -6.26
C LEU A 151 -8.55 25.77 -7.32
N HIS A 152 -7.58 26.60 -6.92
CA HIS A 152 -6.57 27.08 -7.85
C HIS A 152 -5.73 25.93 -8.40
N LEU A 153 -5.28 25.04 -7.52
CA LEU A 153 -4.49 23.88 -7.97
C LEU A 153 -5.31 22.95 -8.86
N ALA A 154 -6.62 22.83 -8.60
CA ALA A 154 -7.46 22.01 -9.47
C ALA A 154 -7.60 22.61 -10.86
N SER A 155 -7.54 23.94 -10.96
CA SER A 155 -7.67 24.59 -12.27
CA SER A 155 -7.67 24.58 -12.27
C SER A 155 -6.46 24.29 -13.15
N GLU A 156 -5.25 24.47 -12.60
CA GLU A 156 -4.05 24.26 -13.40
C GLU A 156 -3.78 22.78 -13.66
N GLN A 157 -4.15 21.91 -12.73
CA GLN A 157 -3.78 20.51 -12.82
C GLN A 157 -4.85 19.67 -13.51
N GLY A 158 -6.13 19.89 -13.21
CA GLY A 158 -7.14 19.00 -13.72
C GLY A 158 -7.04 17.62 -13.07
N SER A 159 -7.47 16.61 -13.81
CA SER A 159 -7.42 15.24 -13.29
C SER A 159 -7.56 14.26 -14.44
N PHE A 160 -6.72 13.23 -14.44
CA PHE A 160 -6.77 12.21 -15.48
C PHE A 160 -8.08 11.42 -15.41
N ASP A 161 -8.47 10.99 -14.21
CA ASP A 161 -9.68 10.20 -14.02
C ASP A 161 -10.81 11.01 -13.40
N GLY A 162 -10.65 12.32 -13.26
CA GLY A 162 -11.66 13.17 -12.66
C GLY A 162 -11.68 13.16 -11.15
N GLY A 163 -10.75 12.45 -10.50
CA GLY A 163 -10.71 12.37 -9.06
C GLY A 163 -9.80 13.42 -8.44
N ASP A 164 -9.72 13.38 -7.12
CA ASP A 164 -8.97 14.35 -6.33
C ASP A 164 -7.70 13.78 -5.73
N GLN A 165 -7.33 12.55 -6.08
CA GLN A 165 -6.14 11.95 -5.50
C GLN A 165 -4.87 12.67 -5.95
N GLY A 166 -4.83 13.11 -7.20
CA GLY A 166 -3.65 13.82 -7.68
C GLY A 166 -3.55 15.23 -7.11
N ILE A 167 -4.69 15.90 -6.95
CA ILE A 167 -4.68 17.27 -6.46
C ILE A 167 -4.26 17.33 -5.00
N LEU A 168 -4.82 16.44 -4.17
CA LEU A 168 -4.47 16.47 -2.75
C LEU A 168 -3.04 16.00 -2.52
N ASN A 169 -2.58 14.99 -3.27
CA ASN A 169 -1.22 14.52 -3.11
C ASN A 169 -0.20 15.57 -3.57
N THR A 170 -0.56 16.37 -4.57
CA THR A 170 0.34 17.42 -5.03
C THR A 170 0.43 18.56 -4.02
N PHE A 171 -0.73 18.98 -3.48
CA PHE A 171 -0.72 20.06 -2.49
C PHE A 171 -0.04 19.61 -1.20
N PHE A 172 -0.34 18.39 -0.74
CA PHE A 172 0.30 17.85 0.46
C PHE A 172 1.42 16.89 0.07
N SER A 173 2.38 17.43 -0.68
CA SER A 173 3.44 16.63 -1.28
C SER A 173 4.49 16.16 -0.28
N SER A 174 4.42 16.57 0.98
CA SER A 174 5.36 16.14 1.99
C SER A 174 4.88 14.92 2.77
N TRP A 175 3.74 14.35 2.40
CA TRP A 175 3.21 13.20 3.14
C TRP A 175 4.12 12.00 3.02
N ALA A 176 4.71 11.78 1.84
CA ALA A 176 5.43 10.54 1.58
C ALA A 176 6.75 10.47 2.34
N THR A 177 7.35 11.61 2.67
CA THR A 177 8.71 11.63 3.21
C THR A 177 8.84 12.41 4.51
N THR A 178 7.74 12.85 5.11
CA THR A 178 7.81 13.66 6.33
C THR A 178 6.77 13.18 7.33
N ASP A 179 7.20 13.03 8.59
CA ASP A 179 6.34 12.71 9.72
C ASP A 179 5.57 11.41 9.52
N ILE A 180 6.09 10.32 10.09
CA ILE A 180 5.42 9.04 10.01
C ILE A 180 4.07 9.06 10.73
N ARG A 181 3.87 10.03 11.64
CA ARG A 181 2.60 10.10 12.35
C ARG A 181 1.44 10.51 11.44
N LYS A 182 1.74 11.19 10.32
CA LYS A 182 0.71 11.49 9.34
C LYS A 182 0.44 10.33 8.40
N HIS A 183 1.10 9.19 8.61
CA HIS A 183 0.79 7.94 7.90
C HIS A 183 -0.23 7.18 8.75
N LEU A 184 -1.50 7.31 8.42
CA LEU A 184 -2.51 6.52 9.12
C LEU A 184 -2.26 5.04 8.87
N PRO A 185 -2.43 4.19 9.89
CA PRO A 185 -2.33 2.75 9.66
C PRO A 185 -3.34 2.30 8.61
N PHE A 186 -2.94 1.31 7.81
CA PHE A 186 -3.78 0.85 6.71
C PHE A 186 -5.13 0.33 7.17
N ILE A 187 -5.24 -0.13 8.42
CA ILE A 187 -6.53 -0.62 8.92
C ILE A 187 -7.55 0.49 9.07
N TYR A 188 -7.12 1.76 9.03
CA TYR A 188 -8.04 2.89 9.02
C TYR A 188 -8.54 3.21 7.61
N ASN A 189 -8.11 2.47 6.61
CA ASN A 189 -8.56 2.67 5.23
C ASN A 189 -8.21 1.45 4.38
N LEU A 190 -8.75 0.28 4.76
CA LEU A 190 -8.49 -0.96 4.04
C LEU A 190 -9.21 -0.94 2.69
N SER A 191 -8.52 -0.47 1.66
CA SER A 191 -9.09 -0.33 0.32
C SER A 191 -8.68 -1.48 -0.60
N SER A 192 -8.27 -2.61 -0.05
CA SER A 192 -7.87 -3.77 -0.84
C SER A 192 -8.89 -4.90 -0.78
N ILE A 193 -10.03 -4.69 -0.12
CA ILE A 193 -10.99 -5.78 0.05
C ILE A 193 -11.66 -6.17 -1.26
N SER A 194 -11.70 -5.27 -2.24
CA SER A 194 -12.32 -5.54 -3.52
C SER A 194 -11.31 -5.73 -4.64
N ILE A 195 -10.01 -5.74 -4.31
CA ILE A 195 -8.97 -5.89 -5.33
C ILE A 195 -8.28 -7.24 -5.21
N PHI A 196 -7.80 -7.56 -4.02
CA PHI A 196 -7.06 -8.77 -3.80
CB PHI A 196 -5.72 -8.55 -3.06
CG PHI A 196 -5.03 -7.40 -3.68
CD1 PHI A 196 -5.13 -6.12 -3.12
CD2 PHI A 196 -4.25 -7.59 -4.83
CE1 PHI A 196 -4.48 -5.04 -3.72
CE2 PHI A 196 -3.61 -6.51 -5.43
CZ PHI A 196 -3.71 -5.24 -4.87
I PHI A 196 -2.77 -3.67 -5.73
C PHI A 196 -7.87 -9.76 -2.99
O PHI A 196 -8.80 -9.45 -2.24
N SER A 197 -7.50 -11.03 -3.17
CA SER A 197 -8.23 -12.12 -2.54
C SER A 197 -7.38 -12.90 -1.55
N TYR A 198 -6.10 -13.04 -1.83
CA TYR A 198 -5.19 -13.87 -1.05
C TYR A 198 -4.13 -13.03 -0.32
N LEU A 199 -4.55 -11.90 0.25
CA LEU A 199 -3.63 -11.12 1.06
C LEU A 199 -3.44 -11.80 2.42
N PRO A 200 -2.22 -11.80 2.96
CA PRO A 200 -1.99 -12.54 4.22
C PRO A 200 -2.86 -12.09 5.38
N ALA A 201 -3.15 -10.79 5.48
CA ALA A 201 -3.97 -10.27 6.57
C ALA A 201 -5.41 -10.77 6.51
N PHE A 202 -5.86 -11.29 5.37
CA PHE A 202 -7.22 -11.80 5.25
C PHE A 202 -7.38 -13.19 5.86
N LYS A 203 -6.32 -13.76 6.44
CA LYS A 203 -6.46 -15.01 7.18
C LYS A 203 -7.20 -14.81 8.49
N VAL A 204 -7.34 -13.56 8.94
CA VAL A 204 -8.06 -13.22 10.17
C VAL A 204 -9.45 -12.73 9.79
N PHE A 205 -10.46 -13.22 10.48
CA PHE A 205 -11.83 -12.71 10.29
C PHE A 205 -11.87 -11.21 10.57
N GLY A 206 -12.36 -10.45 9.61
CA GLY A 206 -12.38 -9.01 9.71
C GLY A 206 -11.07 -8.31 9.40
N ALA A 207 -9.98 -9.07 9.26
CA ALA A 207 -8.65 -8.54 8.94
C ALA A 207 -8.17 -7.50 9.94
N SER A 208 -8.71 -7.54 11.17
CA SER A 208 -8.35 -6.60 12.23
C SER A 208 -8.46 -5.16 11.77
N ALA A 209 -9.40 -4.89 10.87
CA ALA A 209 -9.56 -3.58 10.29
C ALA A 209 -10.45 -2.70 11.16
N LYS A 210 -10.14 -1.40 11.18
CA LYS A 210 -11.01 -0.41 11.80
C LYS A 210 -11.98 0.19 10.81
N VAL A 211 -11.51 0.45 9.58
CA VAL A 211 -12.33 0.98 8.50
C VAL A 211 -12.00 0.21 7.23
N VAL A 212 -13.02 -0.26 6.52
CA VAL A 212 -12.84 -0.93 5.24
C VAL A 212 -13.41 -0.03 4.14
N HIS A 213 -12.74 -0.04 2.99
CA HIS A 213 -13.04 0.86 1.89
C HIS A 213 -13.29 0.03 0.64
N PHE A 214 -14.51 0.08 0.12
CA PHE A 214 -14.89 -0.72 -1.05
C PHE A 214 -14.45 -0.04 -2.35
N LEU A 215 -13.16 0.25 -2.41
CA LEU A 215 -12.58 0.90 -3.58
C LEU A 215 -12.71 0.01 -4.80
N GLY A 216 -13.04 0.64 -5.94
CA GLY A 216 -13.20 -0.09 -7.18
C GLY A 216 -14.46 0.31 -7.93
N ARG A 217 -14.70 -0.34 -9.08
CA ARG A 217 -15.87 0.00 -9.90
C ARG A 217 -17.14 -0.69 -9.42
N VAL A 218 -17.04 -1.61 -8.47
CA VAL A 218 -18.20 -2.34 -7.96
C VAL A 218 -18.37 -1.97 -6.49
N LYS A 219 -19.56 -1.49 -6.14
CA LYS A 219 -19.88 -1.04 -4.80
C LYS A 219 -20.84 -2.02 -4.12
N PRO A 220 -20.92 -1.99 -2.78
CA PRO A 220 -21.78 -2.96 -2.09
C PRO A 220 -23.24 -2.88 -2.50
N TRP A 221 -23.75 -1.69 -2.82
CA TRP A 221 -25.15 -1.55 -3.22
C TRP A 221 -25.40 -2.04 -4.64
N ASN A 222 -24.39 -2.57 -5.33
CA ASN A 222 -24.58 -3.20 -6.63
C ASN A 222 -24.87 -4.69 -6.53
N TYR A 223 -24.63 -5.30 -5.37
CA TYR A 223 -24.84 -6.73 -5.18
C TYR A 223 -26.32 -7.01 -4.90
N THR A 224 -26.70 -8.27 -5.13
CA THR A 224 -28.02 -8.77 -4.78
C THR A 224 -27.93 -9.50 -3.45
N TYR A 225 -28.71 -9.06 -2.47
CA TYR A 225 -28.62 -9.58 -1.12
C TYR A 225 -29.82 -10.48 -0.82
N ASP A 226 -29.57 -11.48 0.02
CA ASP A 226 -30.61 -12.39 0.52
C ASP A 226 -30.51 -12.41 2.03
N PRO A 227 -31.40 -11.70 2.73
CA PRO A 227 -31.29 -11.62 4.20
C PRO A 227 -31.56 -12.94 4.91
N LYS A 228 -32.23 -13.89 4.26
CA LYS A 228 -32.51 -15.16 4.90
C LYS A 228 -31.24 -15.99 5.06
N THR A 229 -30.34 -15.95 4.07
CA THR A 229 -29.11 -16.70 4.08
C THR A 229 -27.90 -15.88 4.50
N LYS A 230 -28.00 -14.55 4.48
CA LYS A 230 -26.88 -13.64 4.74
C LYS A 230 -25.71 -13.94 3.81
N SER A 231 -25.97 -13.78 2.52
CA SER A 231 -24.96 -14.01 1.49
C SER A 231 -25.31 -13.18 0.28
N VAL A 232 -24.39 -13.17 -0.70
CA VAL A 232 -24.58 -12.40 -1.90
C VAL A 232 -24.39 -13.27 -3.14
N PRO A 239 -13.43 -11.02 -5.80
CA PRO A 239 -12.46 -11.23 -4.72
C PRO A 239 -13.10 -11.14 -3.33
N ASN A 240 -14.32 -10.63 -3.26
CA ASN A 240 -15.05 -10.58 -2.00
C ASN A 240 -15.69 -11.92 -1.65
N MET A 241 -15.61 -12.91 -2.53
CA MET A 241 -16.16 -14.23 -2.21
C MET A 241 -15.28 -15.00 -1.22
N THR A 242 -14.00 -14.65 -1.12
CA THR A 242 -13.10 -15.32 -0.20
C THR A 242 -13.07 -14.68 1.19
N HIS A 243 -13.51 -13.43 1.31
CA HIS A 243 -13.65 -12.77 2.61
C HIS A 243 -14.96 -11.99 2.62
N PRO A 244 -16.10 -12.71 2.69
CA PRO A 244 -17.40 -12.05 2.57
C PRO A 244 -17.89 -11.34 3.82
N GLU A 245 -17.07 -11.22 4.86
CA GLU A 245 -17.54 -10.58 6.09
C GLU A 245 -17.88 -9.10 5.87
N PHE A 246 -17.16 -8.43 4.98
CA PHE A 246 -17.37 -6.99 4.80
C PHE A 246 -18.61 -6.70 3.96
N LEU A 247 -18.91 -7.54 2.97
CA LEU A 247 -20.16 -7.38 2.24
C LEU A 247 -21.35 -7.71 3.13
N ILE A 248 -21.24 -8.77 3.94
CA ILE A 248 -22.31 -9.13 4.84
C ILE A 248 -22.51 -8.06 5.91
N LEU A 249 -21.42 -7.50 6.42
CA LEU A 249 -21.53 -6.44 7.41
C LEU A 249 -22.23 -5.21 6.82
N TRP A 250 -21.89 -4.85 5.58
CA TRP A 250 -22.53 -3.71 4.94
C TRP A 250 -24.02 -3.93 4.75
N TRP A 251 -24.40 -5.15 4.32
CA TRP A 251 -25.81 -5.42 4.06
C TRP A 251 -26.60 -5.70 5.34
N ASN A 252 -25.94 -6.24 6.37
CA ASN A 252 -26.61 -6.40 7.66
C ASN A 252 -26.99 -5.05 8.24
N ILE A 253 -26.08 -4.07 8.15
CA ILE A 253 -26.37 -2.74 8.68
C ILE A 253 -27.41 -2.04 7.82
N PHE A 254 -27.33 -2.21 6.50
CA PHE A 254 -28.27 -1.56 5.60
C PHE A 254 -29.70 -2.06 5.85
N THR A 255 -29.88 -3.37 5.91
CA THR A 255 -31.21 -3.92 6.11
C THR A 255 -31.74 -3.62 7.52
N THR A 256 -30.86 -3.55 8.51
CA THR A 256 -31.30 -3.31 9.88
C THR A 256 -31.51 -1.81 10.15
N ASN A 257 -30.55 -0.99 9.75
CA ASN A 257 -30.55 0.43 10.13
C ASN A 257 -31.10 1.37 9.06
N VAL A 258 -30.93 1.05 7.78
CA VAL A 258 -31.18 2.00 6.71
C VAL A 258 -32.46 1.64 5.93
N LEU A 259 -32.62 0.37 5.58
CA LEU A 259 -33.73 -0.02 4.72
C LEU A 259 -35.11 0.32 5.28
N PRO A 260 -35.42 0.10 6.56
CA PRO A 260 -36.76 0.48 7.05
C PRO A 260 -37.09 1.95 6.87
N LEU A 261 -36.09 2.83 6.82
CA LEU A 261 -36.32 4.25 6.62
C LEU A 261 -36.66 4.60 5.16
N LEU A 262 -36.69 3.62 4.27
CA LEU A 262 -36.94 3.89 2.86
C LEU A 262 -38.34 3.48 2.45
N ASP B 4 33.58 -3.50 2.29
CA ASP B 4 32.86 -2.52 3.10
C ASP B 4 31.35 -2.69 2.95
N GLN B 5 30.83 -2.36 1.78
CA GLN B 5 29.41 -2.47 1.48
C GLN B 5 29.22 -3.20 0.17
N ALA B 6 28.12 -3.95 0.08
CA ALA B 6 27.91 -4.80 -1.09
C ALA B 6 26.43 -4.93 -1.39
N PHE B 7 26.12 -5.19 -2.66
CA PHE B 7 24.79 -5.58 -3.09
C PHE B 7 24.69 -7.10 -3.06
N VAL B 8 23.71 -7.61 -2.31
CA VAL B 8 23.55 -9.04 -2.10
C VAL B 8 22.27 -9.50 -2.81
N THR B 9 22.41 -10.49 -3.68
CA THR B 9 21.28 -11.14 -4.32
C THR B 9 21.32 -12.63 -4.03
N LEU B 10 20.38 -13.38 -4.61
CA LEU B 10 20.24 -14.79 -4.30
C LEU B 10 19.70 -15.53 -5.50
N THR B 11 20.22 -16.73 -5.75
CA THR B 11 19.68 -17.63 -6.76
C THR B 11 19.86 -19.06 -6.29
N THR B 12 18.81 -19.88 -6.44
CA THR B 12 18.85 -21.27 -6.03
C THR B 12 18.82 -22.25 -7.21
N ASN B 13 18.57 -21.77 -8.43
CA ASN B 13 18.57 -22.62 -9.60
C ASN B 13 19.09 -21.82 -10.79
N ASP B 14 19.28 -22.50 -11.91
CA ASP B 14 19.80 -21.85 -13.11
C ASP B 14 18.81 -20.84 -13.70
N ALA B 15 17.53 -20.93 -13.33
CA ALA B 15 16.54 -20.00 -13.86
C ALA B 15 16.70 -18.62 -13.22
N TYR B 16 16.70 -18.57 -11.89
CA TYR B 16 16.83 -17.29 -11.19
C TYR B 16 18.22 -16.70 -11.34
N ALA B 17 19.22 -17.51 -11.67
CA ALA B 17 20.56 -16.98 -11.90
C ALA B 17 20.60 -16.08 -13.14
N LYS B 18 19.78 -16.38 -14.14
CA LYS B 18 19.68 -15.51 -15.30
C LYS B 18 19.19 -14.12 -14.91
N GLY B 19 18.26 -14.05 -13.95
CA GLY B 19 17.84 -12.76 -13.44
C GLY B 19 18.88 -12.12 -12.55
N ALA B 20 19.66 -12.93 -11.82
CA ALA B 20 20.75 -12.39 -11.02
C ALA B 20 21.85 -11.81 -11.91
N LEU B 21 22.10 -12.43 -13.06
CA LEU B 21 23.09 -11.89 -13.98
C LEU B 21 22.61 -10.59 -14.61
N VAL B 22 21.31 -10.51 -14.94
CA VAL B 22 20.76 -9.27 -15.48
C VAL B 22 20.78 -8.17 -14.42
N LEU B 23 20.45 -8.52 -13.17
CA LEU B 23 20.55 -7.56 -12.08
C LEU B 23 22.00 -7.13 -11.87
N GLY B 24 22.94 -8.06 -12.04
CA GLY B 24 24.34 -7.70 -11.87
C GLY B 24 24.83 -6.76 -12.95
N SER B 25 24.34 -6.91 -14.18
CA SER B 25 24.74 -6.01 -15.26
C SER B 25 24.15 -4.62 -15.06
N SER B 26 22.89 -4.54 -14.62
CA SER B 26 22.24 -3.24 -14.45
C SER B 26 22.92 -2.43 -13.35
N LEU B 27 23.36 -3.10 -12.28
CA LEU B 27 24.10 -2.40 -11.24
C LEU B 27 25.44 -1.88 -11.76
N LYS B 28 26.17 -2.71 -12.51
CA LYS B 28 27.44 -2.27 -13.08
C LYS B 28 27.24 -1.26 -14.19
N GLN B 29 26.15 -1.38 -14.98
CA GLN B 29 25.90 -0.43 -16.05
C GLN B 29 25.67 0.96 -15.51
N HIS B 30 24.98 1.07 -14.37
CA HIS B 30 24.72 2.36 -13.74
C HIS B 30 25.78 2.73 -12.72
N ARG B 31 26.98 2.18 -12.86
CA ARG B 31 28.19 2.63 -12.16
C ARG B 31 28.00 2.57 -10.64
N THR B 32 27.94 1.34 -10.14
CA THR B 32 27.94 1.12 -8.69
C THR B 32 29.37 1.04 -8.20
N THR B 33 29.63 1.70 -7.07
CA THR B 33 30.94 1.69 -6.44
C THR B 33 31.04 0.64 -5.34
N ARG B 34 30.19 -0.37 -5.38
CA ARG B 34 30.14 -1.39 -4.34
C ARG B 34 30.40 -2.77 -4.94
N ARG B 35 30.61 -3.73 -4.06
CA ARG B 35 30.77 -5.12 -4.47
C ARG B 35 29.41 -5.75 -4.75
N LEU B 36 29.41 -6.76 -5.60
CA LEU B 36 28.19 -7.47 -5.97
C LEU B 36 28.30 -8.91 -5.48
N VAL B 37 27.47 -9.27 -4.51
CA VAL B 37 27.50 -10.58 -3.89
C VAL B 37 26.23 -11.33 -4.28
N VAL B 38 26.36 -12.62 -4.52
CA VAL B 38 25.24 -13.48 -4.86
C VAL B 38 25.32 -14.75 -4.01
N LEU B 39 24.23 -15.09 -3.36
CA LEU B 39 24.12 -16.33 -2.61
C LEU B 39 23.67 -17.44 -3.55
N ALA B 40 24.48 -18.50 -3.66
CA ALA B 40 24.20 -19.62 -4.54
C ALA B 40 24.06 -20.90 -3.74
N THR B 41 23.29 -21.84 -4.28
CA THR B 41 23.08 -23.15 -3.71
C THR B 41 23.70 -24.22 -4.59
N PRO B 42 23.96 -25.43 -4.05
CA PRO B 42 24.54 -26.49 -4.89
C PRO B 42 23.62 -26.95 -6.02
N GLN B 43 22.42 -26.38 -6.10
CA GLN B 43 21.47 -26.74 -7.15
C GLN B 43 21.68 -25.97 -8.45
N VAL B 44 22.55 -24.95 -8.46
CA VAL B 44 22.90 -24.26 -9.70
C VAL B 44 24.09 -24.97 -10.33
N SER B 45 24.07 -25.09 -11.65
CA SER B 45 25.08 -25.89 -12.35
C SER B 45 26.44 -25.21 -12.30
N ASP B 46 27.50 -26.03 -12.38
CA ASP B 46 28.87 -25.50 -12.32
C ASP B 46 29.11 -24.49 -13.43
N SER B 47 28.52 -24.72 -14.61
CA SER B 47 28.63 -23.74 -15.68
C SER B 47 28.00 -22.40 -15.27
N MET B 48 26.93 -22.46 -14.49
CA MET B 48 26.28 -21.22 -14.07
C MET B 48 27.05 -20.53 -12.96
N ARG B 49 27.65 -21.29 -12.04
CA ARG B 49 28.46 -20.66 -11.00
C ARG B 49 29.71 -20.01 -11.59
N LYS B 50 30.30 -20.61 -12.61
CA LYS B 50 31.46 -20.00 -13.26
C LYS B 50 31.09 -18.69 -13.94
N VAL B 51 29.92 -18.64 -14.58
CA VAL B 51 29.45 -17.39 -15.17
C VAL B 51 29.12 -16.38 -14.08
N LEU B 52 28.52 -16.84 -12.98
CA LEU B 52 28.23 -15.95 -11.86
C LEU B 52 29.50 -15.41 -11.23
N GLU B 53 30.59 -16.19 -11.25
CA GLU B 53 31.84 -15.76 -10.64
C GLU B 53 32.54 -14.69 -11.46
N THR B 54 32.17 -14.51 -12.72
CA THR B 54 32.75 -13.46 -13.54
C THR B 54 32.06 -12.12 -13.31
N VAL B 55 30.73 -12.14 -13.25
CA VAL B 55 29.96 -10.90 -13.07
C VAL B 55 30.06 -10.40 -11.63
N PHE B 56 29.87 -11.30 -10.66
CA PHE B 56 29.88 -10.94 -9.26
C PHE B 56 31.28 -11.05 -8.67
N ASP B 57 31.55 -10.25 -7.65
CA ASP B 57 32.84 -10.28 -6.97
C ASP B 57 32.91 -11.40 -5.94
N GLU B 58 31.78 -11.86 -5.42
CA GLU B 58 31.76 -12.93 -4.43
C GLU B 58 30.55 -13.82 -4.70
N VAL B 59 30.81 -15.10 -4.94
CA VAL B 59 29.76 -16.11 -5.09
C VAL B 59 29.84 -16.98 -3.84
N ILE B 60 28.92 -16.74 -2.90
CA ILE B 60 28.94 -17.40 -1.60
C ILE B 60 27.93 -18.54 -1.62
N MET B 61 28.39 -19.74 -1.27
CA MET B 61 27.56 -20.94 -1.34
C MET B 61 26.79 -21.13 -0.04
N VAL B 62 25.49 -21.37 -0.17
CA VAL B 62 24.62 -21.67 0.97
C VAL B 62 23.92 -22.99 0.67
N ASP B 63 23.94 -23.92 1.64
CA ASP B 63 23.35 -25.25 1.46
C ASP B 63 22.63 -25.61 2.76
N VAL B 64 21.33 -25.30 2.81
CA VAL B 64 20.54 -25.60 3.99
C VAL B 64 20.27 -27.10 4.15
N LEU B 65 20.60 -27.90 3.13
CA LEU B 65 20.51 -29.35 3.26
C LEU B 65 21.71 -29.92 4.02
N ASP B 66 22.84 -29.22 3.99
CA ASP B 66 24.00 -29.62 4.79
C ASP B 66 23.66 -29.53 6.27
N SER B 67 23.97 -30.61 7.01
CA SER B 67 23.65 -30.63 8.43
C SER B 67 24.50 -29.63 9.21
N GLY B 68 25.71 -29.33 8.73
CA GLY B 68 26.53 -28.33 9.38
C GLY B 68 25.99 -26.92 9.29
N ASP B 69 24.97 -26.70 8.46
CA ASP B 69 24.36 -25.39 8.35
C ASP B 69 23.43 -25.14 9.54
N SER B 70 23.46 -23.90 10.04
CA SER B 70 22.69 -23.56 11.24
C SER B 70 21.19 -23.56 10.97
N ALA B 71 20.76 -23.44 9.73
CA ALA B 71 19.35 -23.43 9.38
C ALA B 71 18.82 -24.79 8.96
N HIS B 72 19.65 -25.84 9.01
CA HIS B 72 19.20 -27.15 8.57
C HIS B 72 18.16 -27.74 9.53
N LEU B 73 18.37 -27.56 10.84
CA LEU B 73 17.42 -28.09 11.81
C LEU B 73 16.07 -27.40 11.69
N THR B 74 16.07 -26.09 11.43
CA THR B 74 14.81 -25.39 11.22
C THR B 74 14.11 -25.86 9.95
N LEU B 75 14.88 -26.21 8.92
CA LEU B 75 14.29 -26.73 7.69
C LEU B 75 13.56 -28.05 7.94
N MET B 76 14.01 -28.86 8.90
CA MET B 76 13.31 -30.10 9.20
C MET B 76 11.95 -29.84 9.83
N LYS B 77 11.81 -28.76 10.60
CA LYS B 77 10.50 -28.43 11.15
C LYS B 77 9.63 -27.72 10.14
N ARG B 78 10.24 -26.86 9.30
CA ARG B 78 9.54 -26.09 8.29
C ARG B 78 10.13 -26.43 6.92
N PRO B 79 9.74 -27.56 6.33
CA PRO B 79 10.28 -27.93 5.01
C PRO B 79 9.86 -27.00 3.88
N GLU B 80 9.00 -26.02 4.13
CA GLU B 80 8.55 -25.08 3.12
C GLU B 80 9.39 -23.80 3.09
N LEU B 81 10.37 -23.67 3.98
CA LEU B 81 11.20 -22.47 4.07
C LEU B 81 12.56 -22.65 3.42
N GLY B 82 12.66 -23.53 2.42
CA GLY B 82 13.95 -23.76 1.78
C GLY B 82 14.59 -22.50 1.24
N VAL B 83 13.86 -21.79 0.37
CA VAL B 83 14.39 -20.56 -0.21
C VAL B 83 14.49 -19.47 0.84
N THR B 84 13.52 -19.41 1.75
CA THR B 84 13.51 -18.37 2.78
C THR B 84 14.73 -18.49 3.69
N LEU B 85 14.98 -19.70 4.22
CA LEU B 85 16.12 -19.89 5.11
C LEU B 85 17.44 -19.64 4.40
N THR B 86 17.51 -19.96 3.10
CA THR B 86 18.70 -19.63 2.33
C THR B 86 18.84 -18.12 2.17
N LYS B 87 17.73 -17.42 1.95
CA LYS B 87 17.79 -15.97 1.78
C LYS B 87 18.28 -15.29 3.06
N LEU B 88 17.86 -15.80 4.22
CA LEU B 88 18.26 -15.23 5.51
C LEU B 88 19.76 -15.31 5.75
N HIS B 89 20.51 -16.08 4.96
CA HIS B 89 21.95 -16.14 5.12
C HIS B 89 22.65 -14.85 4.69
N CYS B 90 21.91 -13.89 4.12
CA CYS B 90 22.49 -12.60 3.81
C CYS B 90 22.93 -11.87 5.08
N TRP B 91 22.30 -12.16 6.22
CA TRP B 91 22.71 -11.56 7.48
C TRP B 91 23.98 -12.16 8.04
N SER B 92 24.46 -13.26 7.48
CA SER B 92 25.68 -13.92 7.94
C SER B 92 26.94 -13.39 7.26
N LEU B 93 26.80 -12.48 6.29
CA LEU B 93 27.95 -11.93 5.57
C LEU B 93 28.53 -10.76 6.37
N THR B 94 29.11 -11.10 7.52
CA THR B 94 29.64 -10.10 8.44
C THR B 94 30.86 -9.38 7.90
N GLN B 95 31.44 -9.82 6.79
CA GLN B 95 32.57 -9.12 6.21
C GLN B 95 32.20 -7.74 5.70
N TYR B 96 30.92 -7.49 5.45
CA TYR B 96 30.42 -6.18 5.08
C TYR B 96 29.62 -5.58 6.25
N SER B 97 29.71 -4.27 6.38
CA SER B 97 29.03 -3.58 7.48
C SER B 97 27.58 -3.24 7.16
N LYS B 98 27.25 -3.04 5.88
CA LYS B 98 25.89 -2.71 5.48
C LYS B 98 25.70 -3.18 4.06
N CYS B 99 24.57 -3.85 3.81
CA CYS B 99 24.28 -4.43 2.51
C CYS B 99 22.86 -4.11 2.09
N VAL B 100 22.64 -4.07 0.79
CA VAL B 100 21.32 -3.92 0.20
C VAL B 100 20.98 -5.23 -0.49
N PHE B 101 20.05 -5.99 0.09
CA PHE B 101 19.61 -7.21 -0.57
C PHE B 101 18.60 -6.87 -1.66
N MET B 102 18.78 -7.51 -2.81
CA MET B 102 17.89 -7.32 -3.95
C MET B 102 17.46 -8.67 -4.49
N ASP B 103 16.17 -8.79 -4.78
CA ASP B 103 15.64 -10.01 -5.39
C ASP B 103 16.29 -10.25 -6.75
N ALA B 104 16.36 -11.52 -7.14
CA ALA B 104 16.92 -11.86 -8.44
C ALA B 104 15.99 -11.47 -9.58
N ASP B 105 14.73 -11.15 -9.29
CA ASP B 105 13.79 -10.67 -10.31
C ASP B 105 13.64 -9.15 -10.28
N THR B 106 14.68 -8.44 -9.85
CA THR B 106 14.71 -6.98 -9.91
C THR B 106 15.61 -6.52 -11.04
N LEU B 107 15.44 -5.26 -11.41
CA LEU B 107 16.23 -4.64 -12.47
C LEU B 107 16.48 -3.18 -12.13
N VAL B 108 17.74 -2.76 -12.20
CA VAL B 108 18.16 -1.44 -11.79
C VAL B 108 18.20 -0.53 -13.02
N LEU B 109 17.42 0.55 -12.99
CA LEU B 109 17.34 1.49 -14.11
C LEU B 109 18.10 2.78 -13.86
N ALA B 110 18.62 2.99 -12.66
CA ALA B 110 19.41 4.16 -12.33
C ALA B 110 20.25 3.84 -11.11
N ASN B 111 21.33 4.61 -10.94
CA ASN B 111 22.21 4.38 -9.80
C ASN B 111 21.44 4.54 -8.50
N ILE B 112 21.58 3.56 -7.61
CA ILE B 112 20.85 3.56 -6.36
C ILE B 112 21.83 3.43 -5.21
N ASP B 113 23.08 3.89 -5.42
CA ASP B 113 24.09 3.82 -4.37
C ASP B 113 23.73 4.66 -3.16
N ASP B 114 22.84 5.65 -3.32
CA ASP B 114 22.35 6.44 -2.19
C ASP B 114 21.51 5.61 -1.22
N LEU B 115 21.16 4.38 -1.58
CA LEU B 115 20.44 3.52 -0.65
C LEU B 115 21.27 3.22 0.59
N PHE B 116 22.59 3.24 0.47
CA PHE B 116 23.49 2.97 1.58
C PHE B 116 23.55 4.13 2.59
N ASP B 117 22.65 5.10 2.49
CA ASP B 117 22.52 6.15 3.49
C ASP B 117 21.56 5.78 4.61
N ARG B 118 20.83 4.68 4.48
CA ARG B 118 19.82 4.28 5.45
C ARG B 118 20.37 3.24 6.42
N GLU B 119 19.64 3.03 7.51
CA GLU B 119 19.99 2.04 8.52
C GLU B 119 18.99 0.88 8.45
N GLU B 120 19.24 -0.14 9.26
CA GLU B 120 18.40 -1.33 9.29
C GLU B 120 17.18 -1.10 10.17
N LEU B 121 15.99 -1.42 9.66
CA LEU B 121 15.83 -1.97 8.30
C LEU B 121 14.97 -1.05 7.45
N SER B 122 15.46 -0.75 6.24
CA SER B 122 14.80 0.20 5.34
C SER B 122 14.34 -0.53 4.09
N ALA B 123 13.04 -0.47 3.81
CA ALA B 123 12.48 -1.11 2.64
C ALA B 123 11.30 -0.30 2.14
N ALA B 124 10.90 -0.57 0.90
CA ALA B 124 9.76 0.10 0.31
C ALA B 124 8.46 -0.59 0.72
N PRO B 125 7.36 0.15 0.80
CA PRO B 125 6.08 -0.48 1.14
C PRO B 125 5.63 -1.47 0.06
N ASP B 126 4.84 -2.46 0.50
CA ASP B 126 4.39 -3.55 -0.35
C ASP B 126 3.02 -3.24 -0.93
N PRO B 127 2.84 -3.29 -2.26
CA PRO B 127 1.51 -3.11 -2.82
C PRO B 127 0.54 -4.16 -2.29
N GLY B 128 -0.73 -3.76 -2.14
CA GLY B 128 -1.72 -4.62 -1.55
C GLY B 128 -1.89 -4.37 -0.06
N TRP B 129 -0.82 -4.52 0.70
CA TRP B 129 -0.80 -4.22 2.13
C TRP B 129 0.38 -3.30 2.40
N PRO B 130 0.21 -1.98 2.23
CA PRO B 130 1.36 -1.07 2.30
C PRO B 130 1.92 -0.88 3.70
N ASP B 131 1.23 -1.34 4.75
CA ASP B 131 1.78 -1.29 6.10
C ASP B 131 2.83 -2.37 6.34
N CYS B 132 2.99 -3.31 5.41
CA CYS B 132 4.13 -4.22 5.38
C CYS B 132 5.06 -3.81 4.24
N PHE B 133 6.36 -3.97 4.47
CA PHE B 133 7.33 -3.66 3.43
C PHE B 133 7.56 -4.87 2.54
N ASN B 134 7.81 -4.59 1.26
CA ASN B 134 8.20 -5.63 0.34
C ASN B 134 9.63 -6.09 0.63
N SER B 135 9.82 -7.40 0.76
CA SER B 135 11.12 -7.96 1.12
C SER B 135 12.02 -8.18 -0.09
N GLY B 136 11.70 -7.59 -1.24
CA GLY B 136 12.53 -7.75 -2.41
C GLY B 136 13.74 -6.85 -2.44
N VAL B 137 13.65 -5.66 -1.84
CA VAL B 137 14.74 -4.71 -1.77
C VAL B 137 14.75 -4.12 -0.36
N PHE B 138 15.85 -4.29 0.36
CA PHE B 138 15.94 -3.74 1.71
C PHE B 138 17.40 -3.56 2.10
N VAL B 139 17.65 -2.51 2.88
CA VAL B 139 18.98 -2.26 3.46
C VAL B 139 19.03 -2.88 4.85
N TYR B 140 20.09 -3.62 5.13
CA TYR B 140 20.22 -4.32 6.39
C TYR B 140 21.66 -4.28 6.86
N GLN B 141 21.87 -4.65 8.12
CA GLN B 141 23.20 -4.74 8.71
C GLN B 141 23.51 -6.19 9.02
N PRO B 142 24.49 -6.81 8.36
CA PRO B 142 24.79 -8.22 8.61
C PRO B 142 25.23 -8.43 10.06
N SER B 143 24.65 -9.46 10.69
CA SER B 143 24.93 -9.77 12.08
C SER B 143 24.52 -11.20 12.36
N VAL B 144 25.40 -11.95 13.03
CA VAL B 144 25.05 -13.31 13.43
C VAL B 144 24.01 -13.31 14.54
N GLU B 145 23.92 -12.21 15.30
CA GLU B 145 22.89 -12.12 16.34
C GLU B 145 21.51 -12.03 15.72
N THR B 146 21.33 -11.17 14.73
CA THR B 146 20.04 -11.07 14.05
C THR B 146 19.73 -12.33 13.26
N TYR B 147 20.75 -13.03 12.75
CA TYR B 147 20.53 -14.26 12.01
C TYR B 147 19.89 -15.32 12.90
N ASN B 148 20.48 -15.59 14.06
CA ASN B 148 19.90 -16.54 15.00
C ASN B 148 18.56 -16.08 15.53
N GLN B 149 18.31 -14.77 15.54
CA GLN B 149 17.00 -14.28 15.95
C GLN B 149 15.93 -14.62 14.92
N LEU B 150 16.24 -14.40 13.64
CA LEU B 150 15.31 -14.75 12.57
C LEU B 150 15.15 -16.26 12.46
N LEU B 151 16.22 -17.02 12.73
CA LEU B 151 16.12 -18.47 12.70
C LEU B 151 15.11 -18.98 13.72
N HIS B 152 15.17 -18.45 14.95
CA HIS B 152 14.22 -18.86 15.98
C HIS B 152 12.80 -18.41 15.65
N LEU B 153 12.65 -17.24 15.03
CA LEU B 153 11.32 -16.77 14.67
C LEU B 153 10.72 -17.62 13.57
N ALA B 154 11.53 -18.00 12.57
CA ALA B 154 11.04 -18.88 11.53
C ALA B 154 10.66 -20.25 12.08
N SER B 155 11.41 -20.74 13.07
CA SER B 155 11.11 -22.06 13.64
C SER B 155 9.86 -22.02 14.50
N GLU B 156 9.62 -20.91 15.22
CA GLU B 156 8.50 -20.83 16.14
C GLU B 156 7.20 -20.43 15.46
N GLN B 157 7.25 -19.88 14.26
CA GLN B 157 6.04 -19.37 13.62
C GLN B 157 5.88 -19.83 12.18
N GLY B 158 6.97 -20.00 11.44
CA GLY B 158 6.87 -20.24 10.01
C GLY B 158 6.68 -18.93 9.27
N SER B 159 5.93 -18.99 8.17
CA SER B 159 5.63 -17.78 7.41
C SER B 159 4.43 -18.04 6.52
N PHE B 160 3.84 -16.96 6.01
CA PHE B 160 2.67 -17.06 5.16
C PHE B 160 3.05 -17.63 3.81
N ASP B 161 2.49 -18.79 3.47
CA ASP B 161 2.72 -19.45 2.18
C ASP B 161 4.19 -19.74 1.94
N GLY B 162 4.96 -19.90 3.01
CA GLY B 162 6.37 -20.23 2.88
C GLY B 162 7.27 -19.12 2.40
N GLY B 163 6.76 -17.89 2.33
CA GLY B 163 7.57 -16.76 1.90
C GLY B 163 8.50 -16.28 2.99
N ASP B 164 9.22 -15.19 2.68
CA ASP B 164 10.14 -14.58 3.64
C ASP B 164 9.68 -13.20 4.10
N GLN B 165 8.63 -12.65 3.51
CA GLN B 165 8.16 -11.32 3.90
C GLN B 165 7.48 -11.35 5.27
N GLY B 166 6.74 -12.42 5.56
CA GLY B 166 6.05 -12.49 6.84
C GLY B 166 6.99 -12.55 8.02
N ILE B 167 8.10 -13.28 7.88
CA ILE B 167 9.09 -13.37 8.95
C ILE B 167 9.77 -12.03 9.18
N LEU B 168 10.20 -11.38 8.09
CA LEU B 168 10.94 -10.12 8.22
C LEU B 168 10.04 -9.01 8.75
N ASN B 169 8.77 -9.00 8.36
CA ASN B 169 7.84 -7.98 8.87
C ASN B 169 7.48 -8.23 10.31
N THR B 170 7.42 -9.50 10.74
CA THR B 170 7.14 -9.79 12.14
C THR B 170 8.31 -9.41 13.04
N PHE B 171 9.54 -9.64 12.58
CA PHE B 171 10.71 -9.26 13.36
C PHE B 171 10.86 -7.74 13.42
N PHE B 172 10.98 -7.10 12.26
CA PHE B 172 11.01 -5.64 12.17
C PHE B 172 9.59 -5.08 12.19
N SER B 173 8.91 -5.31 13.31
CA SER B 173 7.49 -4.98 13.44
C SER B 173 7.23 -3.49 13.57
N SER B 174 8.25 -2.68 13.82
CA SER B 174 8.08 -1.25 14.01
C SER B 174 8.34 -0.45 12.73
N TRP B 175 8.38 -1.11 11.57
CA TRP B 175 8.73 -0.40 10.34
C TRP B 175 7.63 0.60 9.95
N ALA B 176 6.36 0.22 10.14
CA ALA B 176 5.27 1.00 9.59
C ALA B 176 4.94 2.26 10.38
N THR B 177 5.39 2.37 11.63
CA THR B 177 4.95 3.45 12.49
C THR B 177 6.06 4.22 13.21
N THR B 178 7.33 3.86 13.02
CA THR B 178 8.38 4.44 13.82
C THR B 178 9.18 5.52 13.08
N ASP B 179 9.97 5.11 12.09
CA ASP B 179 10.91 5.99 11.42
C ASP B 179 10.57 6.06 9.94
N ILE B 180 10.27 7.26 9.45
CA ILE B 180 9.89 7.42 8.05
C ILE B 180 11.09 7.38 7.12
N ARG B 181 12.31 7.59 7.64
CA ARG B 181 13.50 7.49 6.81
C ARG B 181 13.79 6.05 6.37
N LYS B 182 13.24 5.07 7.09
CA LYS B 182 13.35 3.67 6.72
C LYS B 182 12.26 3.24 5.73
N HIS B 183 11.48 4.18 5.23
CA HIS B 183 10.50 3.92 4.18
C HIS B 183 11.14 4.36 2.86
N LEU B 184 11.67 3.38 2.13
CA LEU B 184 12.25 3.70 0.82
C LEU B 184 11.15 4.16 -0.13
N PRO B 185 11.44 5.16 -0.97
CA PRO B 185 10.47 5.54 -2.00
C PRO B 185 10.10 4.36 -2.89
N PHE B 186 8.83 4.33 -3.31
CA PHE B 186 8.33 3.22 -4.11
C PHE B 186 9.08 3.03 -5.41
N ILE B 187 9.79 4.05 -5.88
CA ILE B 187 10.57 3.92 -7.11
C ILE B 187 11.80 3.04 -6.92
N TYR B 188 12.21 2.80 -5.67
CA TYR B 188 13.31 1.88 -5.39
C TYR B 188 12.86 0.43 -5.37
N ASN B 189 11.56 0.16 -5.54
CA ASN B 189 11.03 -1.19 -5.57
C ASN B 189 9.66 -1.18 -6.22
N LEU B 190 9.57 -0.67 -7.44
CA LEU B 190 8.29 -0.61 -8.16
C LEU B 190 7.90 -2.02 -8.56
N SER B 191 6.90 -2.58 -7.87
CA SER B 191 6.51 -3.95 -8.09
C SER B 191 5.06 -4.05 -8.54
N SER B 192 4.71 -3.35 -9.62
CA SER B 192 3.35 -3.38 -10.16
C SER B 192 3.36 -3.13 -11.67
N SER B 208 10.26 9.06 -12.48
CA SER B 208 10.41 7.74 -13.05
C SER B 208 10.98 6.75 -12.04
N ALA B 209 10.99 5.48 -12.41
CA ALA B 209 11.39 4.41 -11.50
C ALA B 209 12.90 4.22 -11.52
N LYS B 210 13.44 3.83 -10.36
CA LYS B 210 14.85 3.49 -10.24
C LYS B 210 15.10 1.99 -10.24
N VAL B 211 14.22 1.22 -9.60
CA VAL B 211 14.29 -0.23 -9.57
C VAL B 211 12.90 -0.79 -9.86
N VAL B 212 12.82 -1.70 -10.82
CA VAL B 212 11.57 -2.39 -11.14
C VAL B 212 11.65 -3.81 -10.57
N HIS B 213 10.53 -4.29 -10.07
CA HIS B 213 10.44 -5.60 -9.43
C HIS B 213 9.36 -6.41 -10.12
N PHE B 214 9.74 -7.56 -10.69
CA PHE B 214 8.81 -8.39 -11.45
C PHE B 214 8.17 -9.41 -10.53
N LEU B 215 7.33 -8.92 -9.61
CA LEU B 215 6.58 -9.80 -8.74
C LEU B 215 5.55 -10.59 -9.53
N GLY B 216 5.23 -11.77 -9.02
CA GLY B 216 4.24 -12.64 -9.63
C GLY B 216 4.81 -14.00 -9.96
N ARG B 217 3.94 -14.86 -10.46
CA ARG B 217 4.36 -16.22 -10.82
C ARG B 217 5.22 -16.21 -12.08
N VAL B 218 4.90 -15.36 -13.05
CA VAL B 218 5.61 -15.31 -14.32
C VAL B 218 6.75 -14.30 -14.20
N LYS B 219 7.98 -14.77 -14.41
CA LYS B 219 9.20 -13.99 -14.35
C LYS B 219 9.66 -13.61 -15.75
N PRO B 220 10.56 -12.62 -15.89
CA PRO B 220 10.97 -12.19 -17.23
C PRO B 220 11.53 -13.32 -18.10
N TRP B 221 12.27 -14.25 -17.51
CA TRP B 221 12.84 -15.34 -18.30
C TRP B 221 11.81 -16.38 -18.71
N ASN B 222 10.58 -16.30 -18.20
CA ASN B 222 9.52 -17.21 -18.62
C ASN B 222 8.87 -16.79 -19.94
N TYR B 223 9.25 -15.65 -20.49
CA TYR B 223 8.70 -15.17 -21.75
C TYR B 223 9.52 -15.70 -22.93
N THR B 224 8.95 -15.56 -24.12
CA THR B 224 9.58 -16.06 -25.34
C THR B 224 9.78 -14.94 -26.34
N PRO B 244 5.03 -3.05 -20.25
CA PRO B 244 5.60 -3.74 -21.41
C PRO B 244 7.02 -3.28 -21.73
N GLU B 245 7.29 -1.99 -21.50
CA GLU B 245 8.62 -1.46 -21.77
C GLU B 245 9.64 -1.95 -20.75
N PHE B 246 9.21 -2.22 -19.52
CA PHE B 246 10.14 -2.70 -18.50
C PHE B 246 10.62 -4.12 -18.82
N LEU B 247 9.77 -4.94 -19.43
CA LEU B 247 10.17 -6.30 -19.79
C LEU B 247 11.09 -6.31 -21.01
N ILE B 248 10.90 -5.37 -21.93
CA ILE B 248 11.79 -5.28 -23.10
C ILE B 248 13.18 -4.83 -22.67
N LEU B 249 13.27 -4.03 -21.61
CA LEU B 249 14.57 -3.62 -21.10
C LEU B 249 15.31 -4.81 -20.49
N TRP B 250 14.58 -5.71 -19.83
CA TRP B 250 15.21 -6.90 -19.26
C TRP B 250 15.78 -7.79 -20.35
N TRP B 251 14.99 -8.06 -21.39
CA TRP B 251 15.46 -8.96 -22.44
C TRP B 251 16.57 -8.34 -23.28
N ASN B 252 16.60 -7.00 -23.36
CA ASN B 252 17.71 -6.34 -24.03
C ASN B 252 19.00 -6.51 -23.23
N ILE B 253 18.93 -6.28 -21.91
CA ILE B 253 20.11 -6.46 -21.07
C ILE B 253 20.53 -7.92 -21.04
N PHE B 254 19.59 -8.85 -21.15
CA PHE B 254 19.92 -10.26 -21.09
C PHE B 254 20.67 -10.72 -22.34
N THR B 255 20.03 -10.57 -23.50
CA THR B 255 20.62 -11.06 -24.75
C THR B 255 21.91 -10.34 -25.11
N THR B 256 22.14 -9.15 -24.57
CA THR B 256 23.32 -8.37 -24.89
C THR B 256 24.49 -8.69 -23.96
N ASN B 257 24.25 -8.68 -22.64
CA ASN B 257 25.32 -8.81 -21.67
C ASN B 257 25.35 -10.16 -20.95
N VAL B 258 24.40 -11.05 -21.23
CA VAL B 258 24.35 -12.30 -20.49
C VAL B 258 24.36 -13.50 -21.43
N LEU B 259 23.52 -13.47 -22.46
CA LEU B 259 23.36 -14.62 -23.34
C LEU B 259 24.66 -15.12 -23.98
N PRO B 260 25.62 -14.27 -24.40
CA PRO B 260 26.87 -14.80 -24.96
C PRO B 260 27.71 -15.64 -23.99
N LEU B 261 27.17 -15.91 -22.80
CA LEU B 261 27.89 -16.74 -21.82
C LEU B 261 27.01 -17.89 -21.34
N1 UDP C . -19.14 10.21 -5.18
C2 UDP C . -20.46 10.57 -5.32
N3 UDP C . -21.02 10.27 -6.54
C4 UDP C . -20.40 9.65 -7.60
C5 UDP C . -19.02 9.30 -7.37
C6 UDP C . -18.45 9.59 -6.19
O2 UDP C . -21.10 11.12 -4.43
O4 UDP C . -21.03 9.43 -8.64
C1' UDP C . -18.49 10.52 -3.88
C2' UDP C . -18.71 9.45 -2.83
O2' UDP C . -18.54 10.01 -1.53
C3' UDP C . -17.57 8.48 -3.17
C4' UDP C . -16.44 9.44 -3.55
O4' UDP C . -17.10 10.61 -4.10
O3' UDP C . -17.22 7.66 -2.06
C5' UDP C . -15.46 8.91 -4.57
O5' UDP C . -15.04 7.60 -4.18
PA UDP C . -15.41 6.33 -5.03
O1A UDP C . -16.51 6.64 -6.04
O2A UDP C . -15.66 5.22 -4.07
O3A UDP C . -14.11 6.03 -5.88
PB UDP C . -13.04 4.93 -5.49
O1B UDP C . -11.76 5.45 -6.14
O2B UDP C . -12.95 5.06 -3.97
O3B UDP C . -13.43 3.57 -5.96
MN MN D . -14.25 5.24 -2.33
N1 UDP E . 14.58 -17.53 -5.37
C2 UDP E . 15.40 -18.46 -6.00
N3 UDP E . 14.76 -19.57 -6.49
C4 UDP E . 13.40 -19.84 -6.41
C5 UDP E . 12.63 -18.84 -5.74
C6 UDP E . 13.23 -17.74 -5.26
O2 UDP E . 16.61 -18.30 -6.13
O4 UDP E . 12.96 -20.90 -6.89
C1' UDP E . 15.22 -16.32 -4.84
C2' UDP E . 15.39 -15.21 -5.87
O2' UDP E . 16.44 -14.32 -5.48
C3' UDP E . 14.04 -14.52 -5.79
C4' UDP E . 13.72 -14.60 -4.30
O4' UDP E . 14.39 -15.79 -3.82
O3' UDP E . 14.10 -13.18 -6.25
C5' UDP E . 12.25 -14.67 -3.98
O5' UDP E . 11.54 -13.77 -4.85
PA UDP E . 10.64 -14.30 -6.03
O1A UDP E . 10.78 -13.33 -7.14
O2A UDP E . 10.94 -15.76 -6.33
O3A UDP E . 9.16 -14.27 -5.46
PB UDP E . 8.31 -12.93 -5.40
O1B UDP E . 9.38 -11.85 -5.21
O2B UDP E . 7.71 -12.85 -6.80
O3B UDP E . 7.29 -12.95 -4.31
MN MN F . 10.96 -10.97 -6.44
O1 2PE G . -0.05 -11.13 -4.57
C2 2PE G . 0.00 -11.47 -3.21
C3 2PE G . 0.44 -10.25 -2.40
O4 2PE G . 0.89 -10.68 -1.14
C5 2PE G . 2.10 -10.11 -0.74
C6 2PE G . 3.23 -10.60 -1.65
O7 2PE G . 4.37 -9.83 -1.47
C8 2PE G . 5.49 -10.59 -1.08
C9 2PE G . 6.78 -9.81 -1.31
O10 2PE G . 7.86 -10.47 -0.70
C11 2PE G . 8.09 -11.76 -1.19
C12 2PE G . 8.42 -12.71 -0.05
O13 2PE G . 8.01 -14.01 -0.38
C14 2PE G . 8.64 -14.54 -1.50
C15 2PE G . 7.67 -15.43 -2.28
O16 2PE G . 6.39 -15.36 -1.71
C17 2PE G . 5.71 -16.60 -1.73
C18 2PE G . 5.07 -16.81 -3.09
O19 2PE G . 5.23 -18.15 -3.48
C20 2PE G . 4.12 -18.95 -3.22
C21 2PE G . 4.35 -20.35 -3.81
O22 2PE G . 3.73 -20.44 -5.06
C23 2PE G . 4.61 -20.34 -6.15
C24 2PE G . 4.23 -19.13 -7.01
O25 2PE G . 5.13 -18.08 -6.76
C26 2PE G . 5.98 -17.80 -7.84
C27 2PE G . 6.98 -16.71 -7.43
O28 2PE G . 6.28 -15.65 -6.85
C1 EDO H . 9.18 -17.79 -4.54
O1 EDO H . 8.57 -18.77 -5.38
C2 EDO H . 9.55 -18.43 -3.20
O2 EDO H . 10.14 -17.44 -2.34
#